data_8VSL
#
_entry.id   8VSL
#
_cell.length_a   82.518
_cell.length_b   112.806
_cell.length_c   62.713
_cell.angle_alpha   90.00
_cell.angle_beta   90.00
_cell.angle_gamma   90.00
#
_symmetry.space_group_name_H-M   'C 2 2 21'
#
loop_
_entity.id
_entity.type
_entity.pdbx_description
1 polymer '14-3-3 protein sigma'
2 polymer 'Serine/threonine-protein kinase A-Raf phosphopeptide'
3 non-polymer 'CHLORIDE ION'
4 non-polymer 'MAGNESIUM ION'
5 water water
#
loop_
_entity_poly.entity_id
_entity_poly.type
_entity_poly.pdbx_seq_one_letter_code
_entity_poly.pdbx_strand_id
1 'polypeptide(L)'
;GAMGSMERASLIQKAKLAEQAERYEDMAAFMKGAVEKGEELSCEERNLLSVAYKNVVGGQRAAWRVLSSIEQKSNEEGSE
EKGPEVREYREKVETELQGVCDTVLGLLDSHLIKEAGDAESRVFYLKMKGDYYRYLAEVATGDDKKRIIDSARSAYQEAM
DISKKEMPPTNPIRLGLALNFSVFHYEIANSPEEAISLAKTTFDEAMADLHTLSEDSYKDSTLIMQLLRDNLTLWT
;
A
2 'polypeptide(L)' RIRST(SEP)TPNVHM P
#
loop_
_chem_comp.id
_chem_comp.type
_chem_comp.name
_chem_comp.formula
CL non-polymer 'CHLORIDE ION' 'Cl -1'
MG non-polymer 'MAGNESIUM ION' 'Mg 2'
#
# COMPACT_ATOMS: atom_id res chain seq x y z
N GLY A 1 8.53 0.77 -23.91
CA GLY A 1 7.23 0.71 -23.24
C GLY A 1 6.15 1.15 -24.20
N ALA A 2 4.96 0.52 -24.14
CA ALA A 2 3.82 0.84 -25.02
C ALA A 2 3.35 2.27 -24.80
N MET A 3 3.67 2.92 -23.69
CA MET A 3 3.24 4.33 -23.47
C MET A 3 4.33 5.31 -23.87
N GLY A 4 5.45 4.84 -24.42
CA GLY A 4 6.58 5.70 -24.77
C GLY A 4 6.26 6.81 -25.75
N SER A 5 5.26 6.58 -26.63
CA SER A 5 4.89 7.58 -27.66
C SER A 5 3.85 8.59 -27.21
N MET A 6 3.27 8.44 -26.02
CA MET A 6 2.19 9.32 -25.55
C MET A 6 2.78 10.43 -24.69
N GLU A 7 2.26 11.65 -24.90
CA GLU A 7 2.67 12.79 -24.03
C GLU A 7 2.41 12.47 -22.55
N ARG A 8 3.28 12.98 -21.70
CA ARG A 8 3.08 12.89 -20.22
C ARG A 8 1.68 13.46 -19.85
N ALA A 9 1.29 14.63 -20.34
CA ALA A 9 0.02 15.25 -19.92
C ALA A 9 -1.12 14.35 -20.38
N SER A 10 -1.01 13.78 -21.57
CA SER A 10 -2.06 12.88 -22.10
C SER A 10 -2.19 11.60 -21.25
N LEU A 11 -1.08 11.07 -20.77
CA LEU A 11 -1.12 9.89 -19.86
C LEU A 11 -1.83 10.25 -18.58
N ILE A 12 -1.55 11.41 -17.99
CA ILE A 12 -2.23 11.83 -16.74
C ILE A 12 -3.72 12.07 -17.00
N GLN A 13 -4.05 12.69 -18.12
CA GLN A 13 -5.48 12.92 -18.47
C GLN A 13 -6.20 11.57 -18.58
N LYS A 14 -5.58 10.61 -19.26
CA LYS A 14 -6.23 9.32 -19.49
C LYS A 14 -6.24 8.53 -18.18
N ALA A 15 -5.23 8.63 -17.29
CA ALA A 15 -5.36 7.99 -15.96
C ALA A 15 -6.64 8.46 -15.26
N LYS A 16 -6.93 9.78 -15.30
CA LYS A 16 -8.12 10.31 -14.61
C LYS A 16 -9.38 9.78 -15.26
N LEU A 17 -9.42 9.65 -16.57
CA LEU A 17 -10.58 9.06 -17.28
C LEU A 17 -10.74 7.58 -16.90
N ALA A 18 -9.67 6.83 -16.84
CA ALA A 18 -9.68 5.41 -16.48
C ALA A 18 -10.21 5.29 -15.05
N GLU A 19 -9.81 6.15 -14.11
CA GLU A 19 -10.36 6.12 -12.73
C GLU A 19 -11.90 6.29 -12.78
N GLN A 20 -12.37 7.25 -13.56
CA GLN A 20 -13.84 7.50 -13.64
C GLN A 20 -14.56 6.28 -14.21
N ALA A 21 -13.94 5.58 -15.13
CA ALA A 21 -14.47 4.38 -15.83
C ALA A 21 -14.24 3.10 -15.00
N GLU A 22 -13.62 3.21 -13.85
CA GLU A 22 -13.24 2.02 -13.02
C GLU A 22 -12.42 1.01 -13.83
N ARG A 23 -11.49 1.50 -14.66
CA ARG A 23 -10.56 0.71 -15.50
C ARG A 23 -9.18 0.78 -14.87
N TYR A 24 -8.98 0.13 -13.73
CA TYR A 24 -7.76 0.39 -12.93
C TYR A 24 -6.53 -0.23 -13.54
N GLU A 25 -6.62 -1.28 -14.33
CA GLU A 25 -5.42 -1.82 -15.01
C GLU A 25 -4.95 -0.80 -16.05
N ASP A 26 -5.86 -0.19 -16.79
CA ASP A 26 -5.51 0.89 -17.72
C ASP A 26 -4.91 2.06 -16.93
N MET A 27 -5.51 2.42 -15.83
CA MET A 27 -5.05 3.59 -15.03
C MET A 27 -3.60 3.35 -14.61
N ALA A 28 -3.30 2.14 -14.13
CA ALA A 28 -1.92 1.79 -13.70
C ALA A 28 -0.98 1.87 -14.87
N ALA A 29 -1.33 1.31 -16.02
CA ALA A 29 -0.46 1.40 -17.21
C ALA A 29 -0.20 2.85 -17.62
N PHE A 30 -1.20 3.72 -17.59
CA PHE A 30 -1.03 5.15 -17.93
C PHE A 30 -0.04 5.78 -16.91
N MET A 31 -0.24 5.50 -15.64
CA MET A 31 0.60 6.15 -14.60
C MET A 31 2.02 5.59 -14.66
N LYS A 32 2.22 4.32 -14.95
CA LYS A 32 3.57 3.78 -15.15
C LYS A 32 4.24 4.51 -16.32
N GLY A 33 3.50 4.73 -17.40
CA GLY A 33 4.02 5.47 -18.54
C GLY A 33 4.44 6.85 -18.10
N ALA A 34 3.62 7.54 -17.32
CA ALA A 34 3.93 8.90 -16.83
C ALA A 34 5.18 8.87 -15.96
N VAL A 35 5.31 7.93 -15.04
CA VAL A 35 6.53 7.84 -14.22
C VAL A 35 7.76 7.68 -15.12
N GLU A 36 7.68 6.87 -16.17
CA GLU A 36 8.85 6.52 -17.02
C GLU A 36 9.22 7.72 -17.90
N LYS A 37 8.46 8.82 -17.90
CA LYS A 37 8.97 10.03 -18.60
C LYS A 37 10.16 10.62 -17.85
N GLY A 38 10.35 10.26 -16.57
CA GLY A 38 11.58 10.61 -15.83
C GLY A 38 11.44 11.88 -15.03
N GLU A 39 10.35 12.63 -15.13
CA GLU A 39 10.11 13.81 -14.26
C GLU A 39 9.54 13.37 -12.92
N GLU A 40 9.80 14.16 -11.89
CA GLU A 40 9.16 13.95 -10.58
C GLU A 40 7.63 14.10 -10.70
N LEU A 41 6.92 13.51 -9.75
CA LEU A 41 5.45 13.57 -9.74
C LEU A 41 5.00 14.62 -8.76
N SER A 42 3.95 15.33 -9.10
CA SER A 42 3.25 16.23 -8.18
C SER A 42 2.47 15.43 -7.13
N CYS A 43 1.90 16.07 -6.13
CA CYS A 43 1.11 15.40 -5.10
C CYS A 43 -0.06 14.67 -5.75
N GLU A 44 -0.80 15.34 -6.62
CA GLU A 44 -2.01 14.73 -7.27
C GLU A 44 -1.55 13.53 -8.10
N GLU A 45 -0.43 13.63 -8.82
CA GLU A 45 0.05 12.53 -9.69
C GLU A 45 0.49 11.35 -8.78
N ARG A 46 1.13 11.61 -7.66
CA ARG A 46 1.51 10.50 -6.74
C ARG A 46 0.23 9.77 -6.28
N ASN A 47 -0.81 10.54 -5.99
CA ASN A 47 -2.07 9.92 -5.53
C ASN A 47 -2.66 9.09 -6.68
N LEU A 48 -2.59 9.54 -7.92
CA LEU A 48 -3.12 8.73 -9.04
C LEU A 48 -2.37 7.41 -9.15
N LEU A 49 -1.06 7.46 -9.04
CA LEU A 49 -0.22 6.24 -9.11
C LEU A 49 -0.64 5.28 -8.01
N SER A 50 -0.81 5.78 -6.78
CA SER A 50 -1.21 4.97 -5.62
C SER A 50 -2.59 4.37 -5.77
N VAL A 51 -3.55 5.17 -6.21
CA VAL A 51 -4.92 4.64 -6.40
C VAL A 51 -4.90 3.50 -7.44
N ALA A 52 -4.21 3.73 -8.55
CA ALA A 52 -4.26 2.74 -9.66
C ALA A 52 -3.73 1.40 -9.18
N TYR A 53 -2.51 1.39 -8.65
CA TYR A 53 -1.90 0.10 -8.27
C TYR A 53 -2.59 -0.49 -7.05
N LYS A 54 -3.13 0.32 -6.12
CA LYS A 54 -3.80 -0.26 -4.95
C LYS A 54 -5.03 -1.03 -5.43
N ASN A 55 -5.74 -0.48 -6.43
CA ASN A 55 -6.95 -1.14 -6.93
C ASN A 55 -6.57 -2.41 -7.69
N VAL A 56 -5.52 -2.39 -8.48
CA VAL A 56 -5.11 -3.62 -9.22
C VAL A 56 -4.67 -4.70 -8.22
N VAL A 57 -3.75 -4.37 -7.30
CA VAL A 57 -3.25 -5.40 -6.36
C VAL A 57 -4.36 -5.79 -5.43
N GLY A 58 -5.33 -4.91 -5.14
CA GLY A 58 -6.45 -5.23 -4.25
C GLY A 58 -7.31 -6.34 -4.84
N GLY A 59 -7.57 -6.30 -6.15
CA GLY A 59 -8.31 -7.40 -6.77
C GLY A 59 -7.51 -8.69 -6.69
N GLN A 60 -6.20 -8.61 -6.90
CA GLN A 60 -5.34 -9.83 -6.90
C GLN A 60 -5.34 -10.41 -5.48
N ARG A 61 -5.20 -9.57 -4.47
CA ARG A 61 -5.12 -10.10 -3.08
C ARG A 61 -6.45 -10.80 -2.72
N ALA A 62 -7.53 -10.16 -3.09
CA ALA A 62 -8.86 -10.74 -2.78
C ALA A 62 -8.97 -12.09 -3.48
N ALA A 63 -8.56 -12.20 -4.73
CA ALA A 63 -8.66 -13.48 -5.47
C ALA A 63 -7.73 -14.51 -4.83
N TRP A 64 -6.49 -14.11 -4.52
CA TRP A 64 -5.50 -15.01 -3.90
C TRP A 64 -6.06 -15.57 -2.60
N ARG A 65 -6.71 -14.72 -1.80
CA ARG A 65 -7.24 -15.22 -0.49
C ARG A 65 -8.33 -16.28 -0.71
N VAL A 66 -9.19 -16.06 -1.71
CA VAL A 66 -10.28 -17.03 -2.00
C VAL A 66 -9.62 -18.35 -2.38
N LEU A 67 -8.65 -18.33 -3.28
CA LEU A 67 -7.99 -19.56 -3.80
C LEU A 67 -7.17 -20.24 -2.70
N SER A 68 -6.44 -19.47 -1.89
CA SER A 68 -5.65 -20.05 -0.76
C SER A 68 -6.59 -20.75 0.22
N SER A 69 -7.76 -20.19 0.50
CA SER A 69 -8.74 -20.81 1.44
C SER A 69 -9.23 -22.13 0.85
N ILE A 70 -9.50 -22.17 -0.43
CA ILE A 70 -9.98 -23.45 -1.06
C ILE A 70 -8.84 -24.47 -1.00
N GLU A 71 -7.61 -24.06 -1.26
CA GLU A 71 -6.42 -24.94 -1.28
C GLU A 71 -6.19 -25.50 0.14
N GLN A 72 -6.33 -24.65 1.15
CA GLN A 72 -6.10 -25.11 2.55
C GLN A 72 -7.17 -26.14 2.91
N LYS A 73 -8.41 -25.94 2.52
CA LYS A 73 -9.51 -26.89 2.82
C LYS A 73 -9.16 -28.23 2.17
N SER A 74 -8.66 -28.21 0.93
CA SER A 74 -8.33 -29.45 0.18
C SER A 74 -7.25 -30.27 0.89
N ASN A 75 -6.41 -29.65 1.73
CA ASN A 75 -5.26 -30.34 2.40
C ASN A 75 -5.64 -30.79 3.82
N GLU A 76 -6.92 -30.80 4.15
CA GLU A 76 -7.45 -31.30 5.44
C GLU A 76 -7.67 -32.82 5.34
N GLY A 78 -10.13 -36.05 5.29
CA GLY A 78 -11.56 -36.07 4.93
C GLY A 78 -11.79 -35.54 3.53
N SER A 79 -10.85 -34.73 3.01
CA SER A 79 -10.97 -33.96 1.74
C SER A 79 -10.61 -34.83 0.53
N GLU A 80 -11.49 -34.89 -0.46
CA GLU A 80 -11.35 -35.71 -1.70
C GLU A 80 -10.24 -35.11 -2.56
N GLU A 81 -9.26 -35.93 -2.96
CA GLU A 81 -8.19 -35.51 -3.89
C GLU A 81 -8.83 -35.00 -5.17
N LYS A 82 -8.40 -33.84 -5.66
CA LYS A 82 -9.02 -33.25 -6.86
C LYS A 82 -7.97 -32.86 -7.89
N GLY A 83 -6.71 -33.23 -7.64
CA GLY A 83 -5.66 -32.96 -8.63
C GLY A 83 -4.97 -31.63 -8.37
N PRO A 84 -4.15 -31.22 -9.33
CA PRO A 84 -3.22 -30.10 -9.18
C PRO A 84 -3.85 -28.73 -9.50
N GLU A 85 -5.11 -28.71 -9.89
CA GLU A 85 -5.70 -27.48 -10.49
C GLU A 85 -5.81 -26.34 -9.47
N VAL A 86 -6.22 -26.58 -8.23
CA VAL A 86 -6.36 -25.46 -7.26
C VAL A 86 -4.99 -24.86 -7.04
N ARG A 87 -3.99 -25.68 -6.76
CA ARG A 87 -2.62 -25.15 -6.53
C ARG A 87 -2.15 -24.39 -7.77
N GLU A 88 -2.31 -24.97 -8.97
CA GLU A 88 -1.83 -24.31 -10.21
C GLU A 88 -2.48 -22.92 -10.32
N TYR A 89 -3.78 -22.83 -10.13
CA TYR A 89 -4.49 -21.56 -10.37
C TYR A 89 -4.11 -20.56 -9.25
N ARG A 90 -3.99 -21.01 -8.00
CA ARG A 90 -3.50 -20.09 -6.94
C ARG A 90 -2.09 -19.60 -7.30
N GLU A 91 -1.24 -20.50 -7.78
CA GLU A 91 0.10 -20.08 -8.21
C GLU A 91 0.04 -19.06 -9.35
N LYS A 92 -0.87 -19.22 -10.31
CA LYS A 92 -0.97 -18.28 -11.45
C LYS A 92 -1.35 -16.89 -10.89
N VAL A 93 -2.34 -16.81 -10.04
CA VAL A 93 -2.74 -15.52 -9.46
C VAL A 93 -1.59 -14.96 -8.61
N GLU A 94 -0.96 -15.81 -7.81
CA GLU A 94 0.17 -15.39 -6.97
C GLU A 94 1.28 -14.78 -7.82
N THR A 95 1.64 -15.40 -8.94
CA THR A 95 2.75 -14.93 -9.80
C THR A 95 2.35 -13.56 -10.38
N GLU A 96 1.12 -13.37 -10.77
CA GLU A 96 0.67 -12.07 -11.35
CA GLU A 96 0.62 -12.09 -11.34
C GLU A 96 0.70 -10.99 -10.28
N LEU A 97 0.24 -11.32 -9.07
CA LEU A 97 0.34 -10.39 -7.90
C LEU A 97 1.80 -10.01 -7.67
N GLN A 98 2.70 -10.97 -7.61
CA GLN A 98 4.13 -10.68 -7.36
C GLN A 98 4.64 -9.78 -8.47
N GLY A 99 4.23 -10.04 -9.71
CA GLY A 99 4.66 -9.19 -10.83
C GLY A 99 4.24 -7.74 -10.66
N VAL A 100 3.02 -7.50 -10.28
CA VAL A 100 2.52 -6.14 -10.01
C VAL A 100 3.35 -5.50 -8.89
N CYS A 101 3.61 -6.23 -7.80
CA CYS A 101 4.44 -5.65 -6.72
C CYS A 101 5.83 -5.33 -7.24
N ASP A 102 6.44 -6.23 -8.00
CA ASP A 102 7.80 -6.00 -8.52
C ASP A 102 7.79 -4.79 -9.45
N THR A 103 6.73 -4.61 -10.22
CA THR A 103 6.64 -3.41 -11.10
C THR A 103 6.59 -2.12 -10.28
N VAL A 104 5.80 -2.07 -9.23
CA VAL A 104 5.72 -0.84 -8.39
C VAL A 104 7.08 -0.62 -7.71
N LEU A 105 7.66 -1.69 -7.12
CA LEU A 105 8.98 -1.54 -6.47
C LEU A 105 10.02 -1.08 -7.46
N GLY A 106 9.92 -1.55 -8.70
CA GLY A 106 10.90 -1.13 -9.71
C GLY A 106 10.75 0.35 -10.02
N LEU A 107 9.54 0.90 -10.11
CA LEU A 107 9.36 2.33 -10.35
C LEU A 107 9.94 3.11 -9.19
N LEU A 108 9.71 2.65 -7.96
CA LEU A 108 10.23 3.38 -6.78
C LEU A 108 11.74 3.38 -6.82
N ASP A 109 12.37 2.28 -7.20
CA ASP A 109 13.85 2.18 -7.21
C ASP A 109 14.44 2.84 -8.45
N SER A 110 13.67 3.06 -9.50
CA SER A 110 14.18 3.60 -10.80
C SER A 110 13.20 4.64 -11.34
N HIS A 111 13.13 5.86 -10.82
CA HIS A 111 14.06 6.47 -9.86
C HIS A 111 13.31 7.38 -8.88
N LEU A 112 12.06 7.02 -8.53
CA LEU A 112 11.22 7.95 -7.75
C LEU A 112 11.83 8.27 -6.39
N ILE A 113 12.29 7.27 -5.63
CA ILE A 113 12.76 7.53 -4.26
C ILE A 113 14.02 8.39 -4.32
N LYS A 114 14.99 8.08 -5.18
CA LYS A 114 16.27 8.80 -5.08
C LYS A 114 16.08 10.27 -5.47
N GLU A 115 15.08 10.65 -6.24
CA GLU A 115 14.87 12.07 -6.64
C GLU A 115 13.96 12.76 -5.63
N ALA A 116 13.38 12.04 -4.65
CA ALA A 116 12.38 12.63 -3.74
C ALA A 116 13.09 13.26 -2.54
N GLY A 117 13.14 14.57 -2.50
CA GLY A 117 13.81 15.29 -1.40
C GLY A 117 12.88 15.93 -0.40
N ASP A 118 11.67 16.30 -0.77
CA ASP A 118 10.75 16.92 0.20
C ASP A 118 10.15 15.83 1.07
N ALA A 119 9.84 16.13 2.32
CA ALA A 119 9.31 15.10 3.23
C ALA A 119 8.04 14.49 2.68
N GLU A 120 7.14 15.27 2.09
CA GLU A 120 5.85 14.69 1.65
C GLU A 120 6.09 13.64 0.56
N SER A 121 6.96 13.93 -0.39
CA SER A 121 7.18 12.95 -1.48
C SER A 121 7.99 11.76 -0.95
N ARG A 122 9.05 12.01 -0.20
CA ARG A 122 9.90 10.90 0.28
C ARG A 122 9.12 9.94 1.19
N VAL A 123 8.32 10.47 2.12
CA VAL A 123 7.52 9.61 3.05
C VAL A 123 6.47 8.85 2.21
N PHE A 124 5.81 9.52 1.26
CA PHE A 124 4.83 8.82 0.38
C PHE A 124 5.49 7.61 -0.29
N TYR A 125 6.67 7.80 -0.88
CA TYR A 125 7.28 6.72 -1.69
C TYR A 125 7.79 5.62 -0.78
N LEU A 126 8.36 5.95 0.38
CA LEU A 126 8.86 4.92 1.29
C LEU A 126 7.70 4.14 1.92
N LYS A 127 6.58 4.80 2.21
CA LYS A 127 5.39 4.06 2.67
C LYS A 127 4.95 3.08 1.57
N MET A 128 4.92 3.52 0.32
CA MET A 128 4.53 2.64 -0.82
C MET A 128 5.50 1.44 -0.89
N LYS A 129 6.79 1.69 -0.71
CA LYS A 129 7.78 0.60 -0.74
C LYS A 129 7.46 -0.42 0.38
N GLY A 130 7.19 0.07 1.59
CA GLY A 130 6.74 -0.80 2.70
C GLY A 130 5.49 -1.60 2.33
N ASP A 131 4.51 -0.91 1.76
CA ASP A 131 3.22 -1.53 1.40
C ASP A 131 3.43 -2.69 0.42
N TYR A 132 4.22 -2.46 -0.65
CA TYR A 132 4.28 -3.49 -1.73
C TYR A 132 5.20 -4.62 -1.26
N TYR A 133 6.18 -4.38 -0.39
CA TYR A 133 6.87 -5.53 0.28
C TYR A 133 5.89 -6.27 1.22
N ARG A 134 4.98 -5.54 1.88
CA ARG A 134 3.98 -6.17 2.75
C ARG A 134 3.07 -7.11 1.93
N TYR A 135 2.69 -6.66 0.73
CA TYR A 135 1.81 -7.51 -0.12
C TYR A 135 2.61 -8.73 -0.59
N LEU A 136 3.88 -8.59 -0.91
CA LEU A 136 4.76 -9.75 -1.19
C LEU A 136 4.81 -10.68 0.04
N ALA A 137 4.93 -10.12 1.23
CA ALA A 137 5.03 -10.92 2.46
C ALA A 137 3.76 -11.75 2.68
N GLU A 138 2.60 -11.24 2.30
CA GLU A 138 1.31 -11.92 2.54
C GLU A 138 1.33 -13.29 1.84
N VAL A 139 2.06 -13.43 0.73
CA VAL A 139 2.00 -14.67 -0.09
C VAL A 139 3.33 -15.43 0.01
N ALA A 140 4.29 -14.92 0.78
CA ALA A 140 5.64 -15.52 0.82
C ALA A 140 5.66 -16.73 1.77
N THR A 141 6.37 -17.80 1.39
CA THR A 141 6.45 -19.05 2.20
C THR A 141 7.84 -19.69 2.12
N GLY A 142 8.74 -19.17 1.29
CA GLY A 142 10.05 -19.79 1.00
C GLY A 142 11.20 -19.18 1.79
N ASP A 144 12.94 -16.75 1.52
CA ASP A 144 13.08 -15.26 1.55
C ASP A 144 11.86 -14.57 2.22
N LYS A 145 10.91 -15.27 2.84
CA LYS A 145 9.85 -14.61 3.62
C LYS A 145 10.47 -13.66 4.66
N LYS A 146 11.51 -14.10 5.38
CA LYS A 146 12.19 -13.23 6.39
C LYS A 146 12.72 -11.99 5.70
N ARG A 147 13.42 -12.12 4.56
CA ARG A 147 14.12 -10.97 3.93
C ARG A 147 13.01 -10.02 3.42
N ILE A 148 11.89 -10.56 2.93
CA ILE A 148 10.80 -9.68 2.42
C ILE A 148 10.20 -8.88 3.58
N ILE A 149 9.92 -9.53 4.72
CA ILE A 149 9.42 -8.86 5.93
C ILE A 149 10.43 -7.83 6.35
N ASP A 150 11.72 -8.10 6.31
CA ASP A 150 12.69 -7.06 6.76
C ASP A 150 12.70 -5.85 5.81
N SER A 151 12.56 -6.11 4.51
CA SER A 151 12.50 -5.03 3.50
C SER A 151 11.29 -4.13 3.78
N ALA A 152 10.13 -4.74 4.07
CA ALA A 152 8.95 -3.90 4.42
C ALA A 152 9.27 -3.08 5.67
N ARG A 153 9.73 -3.72 6.73
CA ARG A 153 9.99 -3.01 8.02
C ARG A 153 10.97 -1.86 7.82
N SER A 154 12.02 -2.09 7.06
CA SER A 154 13.11 -1.11 6.86
C SER A 154 12.52 0.12 6.12
N ALA A 155 11.70 -0.12 5.09
CA ALA A 155 11.07 1.00 4.37
C ALA A 155 10.13 1.79 5.27
N TYR A 156 9.24 1.10 5.99
CA TYR A 156 8.32 1.80 6.92
C TYR A 156 9.11 2.57 7.97
N GLN A 157 10.20 2.00 8.48
CA GLN A 157 10.94 2.66 9.59
C GLN A 157 11.61 3.93 9.08
N GLU A 158 12.19 3.90 7.88
CA GLU A 158 12.82 5.11 7.29
C GLU A 158 11.73 6.18 7.09
N ALA A 159 10.56 5.78 6.57
CA ALA A 159 9.44 6.73 6.40
C ALA A 159 9.04 7.30 7.76
N MET A 160 8.90 6.44 8.79
CA MET A 160 8.47 6.90 10.13
C MET A 160 9.47 7.93 10.64
N ASP A 161 10.77 7.66 10.48
CA ASP A 161 11.78 8.57 11.09
C ASP A 161 11.65 9.95 10.42
N ILE A 162 11.49 10.03 9.09
CA ILE A 162 11.33 11.33 8.39
C ILE A 162 10.02 11.97 8.82
N SER A 163 8.93 11.21 8.91
CA SER A 163 7.59 11.79 9.17
C SER A 163 7.58 12.41 10.57
N LYS A 164 8.25 11.76 11.54
CA LYS A 164 8.20 12.27 12.93
C LYS A 164 9.03 13.54 13.02
N LYS A 165 10.08 13.69 12.23
CA LYS A 165 10.95 14.89 12.26
C LYS A 165 10.32 16.07 11.51
N GLU A 166 9.65 15.78 10.39
CA GLU A 166 9.34 16.79 9.35
C GLU A 166 7.83 17.12 9.24
N MET A 167 6.93 16.35 9.78
CA MET A 167 5.47 16.54 9.60
C MET A 167 4.78 16.63 10.92
N PRO A 168 3.67 17.42 10.99
CA PRO A 168 2.86 17.44 12.20
C PRO A 168 2.14 16.12 12.41
N PRO A 169 1.77 15.79 13.66
CA PRO A 169 1.16 14.51 13.98
C PRO A 169 -0.20 14.27 13.33
N THR A 170 -0.82 15.33 12.77
CA THR A 170 -2.13 15.21 12.07
C THR A 170 -1.92 15.06 10.57
N ASN A 171 -0.70 15.18 10.04
CA ASN A 171 -0.55 15.11 8.58
C ASN A 171 -1.12 13.79 8.05
N PRO A 172 -2.02 13.79 7.04
CA PRO A 172 -2.64 12.55 6.57
C PRO A 172 -1.66 11.49 6.04
N ILE A 173 -0.56 11.93 5.44
CA ILE A 173 0.47 10.96 4.97
C ILE A 173 1.09 10.27 6.19
N ARG A 174 1.47 11.08 7.18
CA ARG A 174 2.03 10.56 8.45
C ARG A 174 1.06 9.61 9.11
N LEU A 175 -0.23 9.98 9.17
CA LEU A 175 -1.25 9.11 9.77
C LEU A 175 -1.39 7.80 9.00
N GLY A 176 -1.47 7.88 7.69
CA GLY A 176 -1.66 6.62 6.91
C GLY A 176 -0.45 5.72 6.93
N LEU A 177 0.73 6.31 7.00
CA LEU A 177 1.97 5.51 7.19
C LEU A 177 1.86 4.77 8.53
N ALA A 178 1.56 5.46 9.62
CA ALA A 178 1.48 4.80 10.94
C ALA A 178 0.40 3.72 10.94
N LEU A 179 -0.76 4.02 10.36
CA LEU A 179 -1.83 3.00 10.19
C LEU A 179 -1.26 1.75 9.48
N ASN A 180 -0.65 1.94 8.33
CA ASN A 180 -0.16 0.75 7.57
C ASN A 180 0.98 0.03 8.32
N PHE A 181 1.88 0.77 9.01
CA PHE A 181 2.95 0.10 9.76
C PHE A 181 2.33 -0.71 10.91
N SER A 182 1.28 -0.18 11.53
CA SER A 182 0.57 -0.93 12.62
C SER A 182 -0.02 -2.22 12.05
N VAL A 183 -0.61 -2.14 10.86
CA VAL A 183 -1.13 -3.35 10.17
C VAL A 183 0.01 -4.33 9.87
N PHE A 184 1.16 -3.87 9.39
CA PHE A 184 2.37 -4.72 9.23
C PHE A 184 2.62 -5.43 10.56
N HIS A 185 2.68 -4.70 11.66
CA HIS A 185 3.07 -5.33 12.94
C HIS A 185 2.06 -6.43 13.31
N TYR A 186 0.77 -6.16 13.15
CA TYR A 186 -0.30 -7.08 13.61
C TYR A 186 -0.41 -8.31 12.66
N GLU A 187 -0.45 -8.05 11.36
CA GLU A 187 -0.87 -9.05 10.35
C GLU A 187 0.33 -9.80 9.80
N ILE A 188 1.53 -9.23 9.80
CA ILE A 188 2.74 -9.81 9.14
C ILE A 188 3.78 -10.21 10.15
N ALA A 189 4.12 -9.31 11.10
CA ALA A 189 5.33 -9.46 11.92
C ALA A 189 5.05 -10.18 13.25
N ASN A 190 3.84 -10.65 13.47
CA ASN A 190 3.48 -11.36 14.72
C ASN A 190 3.78 -10.49 15.93
N SER A 191 3.50 -9.17 15.81
CA SER A 191 3.80 -8.21 16.91
C SER A 191 2.55 -7.43 17.26
N PRO A 192 1.47 -8.05 17.79
CA PRO A 192 0.25 -7.32 18.06
C PRO A 192 0.49 -6.22 19.09
N GLU A 193 1.30 -6.44 20.10
CA GLU A 193 1.51 -5.37 21.10
C GLU A 193 2.17 -4.15 20.46
N GLU A 194 3.12 -4.31 19.55
CA GLU A 194 3.72 -3.17 18.83
C GLU A 194 2.64 -2.46 18.00
N ALA A 195 1.80 -3.23 17.34
CA ALA A 195 0.67 -2.68 16.55
C ALA A 195 -0.24 -1.77 17.41
N ILE A 196 -0.66 -2.30 18.54
CA ILE A 196 -1.59 -1.57 19.46
C ILE A 196 -0.88 -0.31 20.01
N SER A 197 0.36 -0.43 20.41
CA SER A 197 1.11 0.72 20.97
C SER A 197 1.24 1.81 19.93
N LEU A 198 1.60 1.44 18.69
CA LEU A 198 1.78 2.43 17.62
C LEU A 198 0.42 3.08 17.34
N ALA A 199 -0.63 2.29 17.15
CA ALA A 199 -1.96 2.90 16.84
C ALA A 199 -2.38 3.87 17.94
N LYS A 200 -2.24 3.48 19.20
CA LYS A 200 -2.68 4.32 20.33
C LYS A 200 -1.85 5.60 20.37
N THR A 201 -0.55 5.53 20.32
CA THR A 201 0.30 6.73 20.40
C THR A 201 0.01 7.65 19.19
N THR A 202 -0.15 7.08 18.02
CA THR A 202 -0.44 7.88 16.80
C THR A 202 -1.77 8.62 17.02
N PHE A 203 -2.79 7.91 17.47
CA PHE A 203 -4.15 8.48 17.64
C PHE A 203 -4.07 9.64 18.65
N ASP A 204 -3.43 9.42 19.78
CA ASP A 204 -3.43 10.40 20.90
C ASP A 204 -2.62 11.63 20.46
N GLU A 205 -1.51 11.49 19.76
CA GLU A 205 -0.69 12.65 19.35
C GLU A 205 -1.46 13.46 18.30
N ALA A 206 -2.19 12.79 17.43
CA ALA A 206 -3.03 13.50 16.44
C ALA A 206 -4.16 14.25 17.15
N MET A 207 -4.85 13.62 18.11
CA MET A 207 -5.98 14.25 18.83
C MET A 207 -5.50 15.60 19.38
N ALA A 208 -4.32 15.62 19.96
CA ALA A 208 -3.77 16.80 20.64
C ALA A 208 -3.41 17.92 19.66
N ASP A 209 -3.32 17.66 18.35
CA ASP A 209 -2.90 18.67 17.34
C ASP A 209 -4.09 19.10 16.46
N LEU A 210 -5.27 18.51 16.62
CA LEU A 210 -6.45 18.82 15.78
C LEU A 210 -6.82 20.31 15.94
N HIS A 211 -6.54 20.93 17.08
CA HIS A 211 -6.98 22.33 17.36
C HIS A 211 -6.32 23.29 16.38
N THR A 212 -5.22 22.88 15.72
CA THR A 212 -4.41 23.73 14.82
C THR A 212 -5.01 23.76 13.42
N LEU A 213 -6.00 22.92 13.13
CA LEU A 213 -6.41 22.63 11.75
C LEU A 213 -7.64 23.42 11.35
N SER A 214 -7.71 23.69 10.04
CA SER A 214 -8.96 24.13 9.40
C SER A 214 -10.03 23.06 9.43
N GLU A 215 -11.26 23.41 9.13
CA GLU A 215 -12.37 22.45 9.02
C GLU A 215 -12.02 21.36 7.99
N ASP A 216 -11.48 21.70 6.84
CA ASP A 216 -11.24 20.67 5.81
C ASP A 216 -10.04 19.76 6.21
N SER A 217 -8.97 20.33 6.78
CA SER A 217 -7.83 19.53 7.27
C SER A 217 -8.31 18.61 8.41
N TYR A 218 -9.14 19.13 9.28
CA TYR A 218 -9.70 18.36 10.40
C TYR A 218 -10.42 17.14 9.84
N LYS A 219 -11.22 17.33 8.79
CA LYS A 219 -11.95 16.19 8.20
C LYS A 219 -10.96 15.16 7.64
N ASP A 220 -9.93 15.60 6.92
CA ASP A 220 -8.92 14.70 6.31
C ASP A 220 -8.27 13.86 7.42
N SER A 221 -7.81 14.48 8.50
CA SER A 221 -7.07 13.78 9.60
C SER A 221 -8.01 12.84 10.38
N THR A 222 -9.21 13.27 10.70
CA THR A 222 -10.12 12.48 11.53
C THR A 222 -10.57 11.24 10.75
N LEU A 223 -10.66 11.32 9.42
CA LEU A 223 -11.07 10.11 8.66
C LEU A 223 -10.06 8.98 8.94
N ILE A 224 -8.76 9.28 8.94
CA ILE A 224 -7.70 8.25 9.13
C ILE A 224 -7.66 7.83 10.60
N MET A 225 -7.82 8.79 11.51
CA MET A 225 -7.82 8.47 12.96
C MET A 225 -8.93 7.47 13.25
N GLN A 226 -10.07 7.57 12.57
CA GLN A 226 -11.17 6.63 12.83
C GLN A 226 -10.72 5.20 12.49
N LEU A 227 -9.89 5.04 11.47
CA LEU A 227 -9.39 3.68 11.11
C LEU A 227 -8.42 3.13 12.17
N LEU A 228 -7.57 4.00 12.76
CA LEU A 228 -6.73 3.56 13.88
C LEU A 228 -7.67 3.05 15.00
N ARG A 229 -8.74 3.80 15.28
CA ARG A 229 -9.67 3.41 16.37
C ARG A 229 -10.40 2.12 15.99
N ASP A 230 -10.74 1.95 14.75
CA ASP A 230 -11.46 0.72 14.32
C ASP A 230 -10.54 -0.49 14.49
N ASN A 231 -9.25 -0.37 14.16
CA ASN A 231 -8.28 -1.47 14.37
C ASN A 231 -8.10 -1.70 15.88
N LEU A 232 -7.90 -0.64 16.68
CA LEU A 232 -7.79 -0.86 18.13
C LEU A 232 -8.99 -1.60 18.71
N THR A 233 -10.20 -1.34 18.23
CA THR A 233 -11.43 -2.07 18.68
C THR A 233 -11.34 -3.55 18.26
N LEU A 234 -10.88 -3.83 17.04
CA LEU A 234 -10.68 -5.19 16.50
C LEU A 234 -9.62 -5.91 17.36
N TRP A 235 -8.55 -5.24 17.76
CA TRP A 235 -7.31 -5.89 18.32
C TRP A 235 -7.41 -6.10 19.82
N THR A 236 -8.35 -5.42 20.48
CA THR A 236 -8.50 -5.41 21.96
C THR A 236 -9.96 -5.73 22.32
N ILE B 2 -12.70 -9.15 10.30
CA ILE B 2 -11.60 -10.19 10.27
C ILE B 2 -10.26 -9.45 10.10
N ARG B 3 -9.88 -9.04 8.89
CA ARG B 3 -8.52 -8.44 8.66
C ARG B 3 -8.52 -6.95 9.05
N SER B 4 -7.35 -6.53 9.50
CA SER B 4 -7.11 -5.13 9.88
C SER B 4 -7.34 -4.20 8.68
N THR B 5 -7.78 -2.97 8.92
CA THR B 5 -7.97 -1.95 7.89
C THR B 5 -6.68 -1.18 7.66
N SEP B 6 -6.28 -1.10 6.40
CA SEP B 6 -5.18 -0.23 5.99
CB SEP B 6 -4.19 -1.00 5.13
OG SEP B 6 -4.89 -1.44 3.93
C SEP B 6 -5.70 1.03 5.32
O SEP B 6 -6.92 1.22 5.17
P SEP B 6 -4.08 -2.46 2.95
O1P SEP B 6 -5.07 -2.62 1.78
O2P SEP B 6 -2.86 -1.71 2.50
O3P SEP B 6 -3.77 -3.69 3.70
N THR B 7 -4.78 1.91 4.91
CA THR B 7 -5.14 3.23 4.43
C THR B 7 -5.93 3.05 3.15
N PRO B 8 -7.13 3.65 3.02
CA PRO B 8 -7.88 3.53 1.78
C PRO B 8 -7.48 4.57 0.74
N ASN B 9 -7.96 4.39 -0.49
CA ASN B 9 -7.83 5.45 -1.52
C ASN B 9 -8.60 6.73 -1.14
N VAL B 10 -8.04 7.89 -1.44
CA VAL B 10 -8.76 9.19 -1.51
C VAL B 10 -8.81 9.64 -2.96
CL CL C . -3.75 -22.08 -14.10
MG MG D . 4.68 -19.22 -5.84
MG MG E . -14.44 -39.29 0.04
MG MG F . 6.54 15.68 -24.33
#